data_9DDY
#
_entry.id   9DDY
#
_cell.length_a   51.643
_cell.length_b   101.496
_cell.length_c   119.889
_cell.angle_alpha   90.000
_cell.angle_beta   90.000
_cell.angle_gamma   90.000
#
_symmetry.space_group_name_H-M   'P 21 21 21'
#
loop_
_entity.id
_entity.type
_entity.pdbx_description
1 polymer Geranyltranstransferase
2 non-polymer GLYCEROL
3 water water
#
_entity_poly.entity_id   1
_entity_poly.type   'polypeptide(L)'
_entity_poly.pdbx_seq_one_letter_code
;SNAMKKQEKLALVESALEDFYGDQQFASSLRESVLYSIHAGGKRIRPFLLLEVLEALQVTIKPAHAQVATALEMIHTGSL
IHDDLPAMDDDDYRRGRLTNHKKFGEAMAILAGDALFLDSYALIAQADLPSQIKVDLIANLSLASGSLGMVAGQVLDMEG
EHQHLSLEELQTIHANKTGKLLAYPFQAAAIIAELSPEMQVKLKTVGELIGLAFQVRDDVLDVTASFEEIGKTPQKDLQA
EKSTYPALLGLEESIAFCNQTLDQANEKLEEIAQQLPFETESIVSVVESLRING
;
_entity_poly.pdbx_strand_id   A,B
#
loop_
_chem_comp.id
_chem_comp.type
_chem_comp.name
_chem_comp.formula
GOL non-polymer GLYCEROL 'C3 H8 O3'
#
# COMPACT_ATOMS: atom_id res chain seq x y z
N SER A 1 -32.03 11.47 12.56
CA SER A 1 -32.23 10.10 12.14
C SER A 1 -30.88 9.39 11.98
N ASN A 2 -30.75 8.22 12.61
CA ASN A 2 -29.48 7.49 12.53
C ASN A 2 -29.20 7.03 11.11
N ALA A 3 -30.24 6.63 10.37
CA ALA A 3 -30.05 6.26 8.97
C ALA A 3 -29.68 7.48 8.13
N MET A 4 -30.28 8.64 8.42
CA MET A 4 -29.83 9.87 7.79
C MET A 4 -28.38 10.16 8.15
N LYS A 5 -28.09 10.27 9.46
CA LYS A 5 -26.74 10.58 9.92
C LYS A 5 -25.72 9.57 9.40
N LYS A 6 -26.11 8.31 9.23
CA LYS A 6 -25.22 7.35 8.59
C LYS A 6 -24.97 7.73 7.14
N GLN A 7 -26.02 8.14 6.43
CA GLN A 7 -25.85 8.61 5.06
C GLN A 7 -24.99 9.86 5.00
N GLU A 8 -25.12 10.74 5.99
CA GLU A 8 -24.33 11.96 6.01
C GLU A 8 -22.86 11.67 6.28
N LYS A 9 -22.58 10.71 7.16
CA LYS A 9 -21.19 10.34 7.42
C LYS A 9 -20.56 9.70 6.19
N LEU A 10 -21.27 8.76 5.56
CA LEU A 10 -20.77 8.13 4.34
C LEU A 10 -20.68 9.11 3.18
N ALA A 11 -21.47 10.18 3.20
CA ALA A 11 -21.33 11.22 2.17
C ALA A 11 -20.01 11.95 2.32
N LEU A 12 -19.51 12.10 3.56
CA LEU A 12 -18.20 12.72 3.75
C LEU A 12 -17.09 11.84 3.19
N VAL A 13 -17.19 10.53 3.41
CA VAL A 13 -16.20 9.60 2.87
C VAL A 13 -16.32 9.55 1.35
N GLU A 14 -17.54 9.49 0.83
CA GLU A 14 -17.74 9.49 -0.61
C GLU A 14 -17.19 10.77 -1.24
N SER A 15 -17.40 11.91 -0.58
CA SER A 15 -16.88 13.17 -1.11
C SER A 15 -15.37 13.19 -1.11
N ALA A 16 -14.75 12.69 -0.03
CA ALA A 16 -13.29 12.62 0.02
C ALA A 16 -12.73 11.66 -1.01
N LEU A 17 -13.45 10.58 -1.30
CA LEU A 17 -13.00 9.61 -2.30
C LEU A 17 -12.97 10.22 -3.69
N GLU A 18 -13.95 11.06 -4.01
CA GLU A 18 -14.01 11.65 -5.34
C GLU A 18 -13.07 12.84 -5.50
N ASP A 19 -12.74 13.54 -4.42
CA ASP A 19 -11.79 14.64 -4.55
C ASP A 19 -10.38 14.12 -4.81
N PHE A 20 -9.98 13.06 -4.13
CA PHE A 20 -8.64 12.52 -4.34
C PHE A 20 -8.51 11.90 -5.72
N TYR A 21 -9.55 11.21 -6.18
CA TYR A 21 -9.60 10.66 -7.53
C TYR A 21 -10.41 11.57 -8.45
N GLY A 22 -10.09 12.86 -8.43
CA GLY A 22 -10.82 13.82 -9.24
C GLY A 22 -9.95 14.60 -10.22
N ASP A 23 -9.93 15.92 -10.06
CA ASP A 23 -9.25 16.78 -11.01
C ASP A 23 -7.74 16.59 -10.98
N GLN A 24 -7.18 16.18 -9.83
CA GLN A 24 -5.74 15.99 -9.75
C GLN A 24 -5.26 14.78 -10.53
N GLN A 25 -6.17 13.86 -10.87
CA GLN A 25 -5.78 12.68 -11.63
C GLN A 25 -5.50 13.03 -13.08
N PHE A 26 -4.42 12.45 -13.62
CA PHE A 26 -4.10 12.60 -15.04
C PHE A 26 -4.14 11.30 -15.81
N ALA A 27 -4.19 10.16 -15.13
CA ALA A 27 -4.42 8.87 -15.78
C ALA A 27 -5.92 8.67 -15.90
N SER A 28 -6.46 8.90 -17.09
CA SER A 28 -7.91 8.91 -17.27
C SER A 28 -8.53 7.56 -16.92
N SER A 29 -7.98 6.48 -17.48
CA SER A 29 -8.53 5.15 -17.24
C SER A 29 -8.37 4.72 -15.79
N LEU A 30 -7.27 5.13 -15.14
CA LEU A 30 -7.08 4.75 -13.75
C LEU A 30 -8.12 5.39 -12.85
N ARG A 31 -8.40 6.68 -13.06
CA ARG A 31 -9.46 7.35 -12.30
C ARG A 31 -10.81 6.70 -12.54
N GLU A 32 -11.11 6.37 -13.80
CA GLU A 32 -12.40 5.79 -14.13
C GLU A 32 -12.55 4.41 -13.50
N SER A 33 -11.48 3.60 -13.52
CA SER A 33 -11.56 2.26 -12.95
C SER A 33 -11.68 2.31 -11.43
N VAL A 34 -10.95 3.21 -10.78
CA VAL A 34 -11.02 3.32 -9.33
C VAL A 34 -12.39 3.81 -8.89
N LEU A 35 -12.90 4.87 -9.54
CA LEU A 35 -14.21 5.38 -9.18
C LEU A 35 -15.32 4.37 -9.44
N TYR A 36 -15.12 3.47 -10.40
CA TYR A 36 -16.13 2.46 -10.68
C TYR A 36 -16.34 1.54 -9.48
N SER A 37 -15.24 0.99 -8.94
CA SER A 37 -15.36 0.16 -7.75
C SER A 37 -15.80 0.97 -6.53
N ILE A 38 -15.46 2.26 -6.50
CA ILE A 38 -15.95 3.14 -5.45
C ILE A 38 -17.46 3.32 -5.57
N HIS A 39 -17.95 3.56 -6.79
CA HIS A 39 -19.37 3.77 -7.05
C HIS A 39 -20.16 2.48 -7.10
N ALA A 40 -19.56 1.35 -6.70
CA ALA A 40 -20.28 0.08 -6.63
C ALA A 40 -21.17 -0.01 -5.39
N GLY A 41 -21.32 1.07 -4.64
CA GLY A 41 -22.14 1.06 -3.45
C GLY A 41 -21.41 0.49 -2.25
N GLY A 42 -22.07 -0.36 -1.50
CA GLY A 42 -21.44 -0.98 -0.35
C GLY A 42 -22.03 -0.45 0.95
N LYS A 43 -22.05 -1.31 1.96
CA LYS A 43 -22.52 -0.90 3.28
C LYS A 43 -21.59 0.13 3.90
N ARG A 44 -20.31 0.11 3.50
CA ARG A 44 -19.29 1.02 4.03
C ARG A 44 -19.18 0.89 5.55
N ILE A 45 -19.29 -0.35 6.04
CA ILE A 45 -19.34 -0.55 7.48
C ILE A 45 -18.02 -0.19 8.13
N ARG A 46 -16.90 -0.32 7.40
CA ARG A 46 -15.60 -0.01 7.99
C ARG A 46 -15.39 1.49 8.19
N PRO A 47 -15.58 2.35 7.18
CA PRO A 47 -15.48 3.79 7.46
C PRO A 47 -16.61 4.30 8.33
N PHE A 48 -17.77 3.65 8.30
CA PHE A 48 -18.88 4.09 9.16
C PHE A 48 -18.58 3.84 10.62
N LEU A 49 -17.99 2.68 10.94
CA LEU A 49 -17.65 2.38 12.33
C LEU A 49 -16.65 3.38 12.89
N LEU A 50 -15.70 3.82 12.06
CA LEU A 50 -14.71 4.79 12.54
C LEU A 50 -15.39 6.10 12.95
N LEU A 51 -16.27 6.62 12.09
CA LEU A 51 -16.95 7.87 12.41
C LEU A 51 -18.00 7.69 13.50
N GLU A 52 -18.56 6.48 13.63
CA GLU A 52 -19.60 6.26 14.63
C GLU A 52 -19.00 6.05 16.02
N VAL A 53 -17.91 5.28 16.12
CA VAL A 53 -17.22 5.14 17.39
C VAL A 53 -16.62 6.48 17.81
N LEU A 54 -16.16 7.27 16.85
CA LEU A 54 -15.64 8.59 17.15
C LEU A 54 -16.73 9.49 17.72
N GLU A 55 -17.93 9.44 17.14
CA GLU A 55 -19.04 10.22 17.67
C GLU A 55 -19.46 9.73 19.05
N ALA A 56 -19.43 8.42 19.27
CA ALA A 56 -19.80 7.85 20.56
C ALA A 56 -18.81 8.20 21.65
N LEU A 57 -17.56 8.51 21.30
CA LEU A 57 -16.57 9.01 22.25
C LEU A 57 -16.67 10.51 22.46
N GLN A 58 -17.78 11.12 22.03
CA GLN A 58 -18.03 12.56 22.20
C GLN A 58 -16.99 13.40 21.46
N VAL A 59 -16.65 12.97 20.24
CA VAL A 59 -15.70 13.69 19.39
C VAL A 59 -16.46 14.22 18.18
N THR A 60 -16.43 15.54 18.00
CA THR A 60 -17.09 16.14 16.84
C THR A 60 -16.36 15.76 15.56
N ILE A 61 -17.12 15.25 14.58
CA ILE A 61 -16.53 14.78 13.34
C ILE A 61 -16.01 15.96 12.52
N LYS A 62 -14.77 15.86 12.05
CA LYS A 62 -14.13 16.85 11.21
C LYS A 62 -13.72 16.20 9.90
N PRO A 63 -13.46 16.99 8.85
CA PRO A 63 -12.99 16.38 7.59
C PRO A 63 -11.74 15.54 7.75
N ALA A 64 -10.85 15.88 8.67
CA ALA A 64 -9.68 15.04 8.90
C ALA A 64 -10.07 13.64 9.36
N HIS A 65 -11.15 13.53 10.13
CA HIS A 65 -11.63 12.22 10.55
C HIS A 65 -12.17 11.42 9.37
N ALA A 66 -12.89 12.08 8.46
CA ALA A 66 -13.41 11.38 7.29
C ALA A 66 -12.30 10.92 6.36
N GLN A 67 -11.19 11.68 6.29
CA GLN A 67 -10.09 11.25 5.45
C GLN A 67 -9.39 10.02 6.01
N VAL A 68 -9.36 9.87 7.34
CA VAL A 68 -8.82 8.64 7.92
C VAL A 68 -9.72 7.46 7.59
N ALA A 69 -11.04 7.64 7.73
CA ALA A 69 -11.99 6.59 7.34
C ALA A 69 -11.93 6.30 5.85
N THR A 70 -11.64 7.33 5.04
CA THR A 70 -11.49 7.13 3.60
C THR A 70 -10.32 6.21 3.29
N ALA A 71 -9.18 6.44 3.96
CA ALA A 71 -8.02 5.58 3.76
C ALA A 71 -8.34 4.13 4.06
N LEU A 72 -9.12 3.89 5.11
CA LEU A 72 -9.49 2.52 5.47
C LEU A 72 -10.30 1.86 4.36
N GLU A 73 -11.32 2.57 3.85
CA GLU A 73 -12.15 1.99 2.81
C GLU A 73 -11.38 1.82 1.51
N MET A 74 -10.37 2.65 1.26
CA MET A 74 -9.57 2.49 0.04
C MET A 74 -8.83 1.17 0.03
N ILE A 75 -8.26 0.77 1.18
CA ILE A 75 -7.58 -0.51 1.26
C ILE A 75 -8.58 -1.65 1.11
N HIS A 76 -9.73 -1.55 1.78
CA HIS A 76 -10.74 -2.60 1.67
C HIS A 76 -11.26 -2.72 0.24
N THR A 77 -11.50 -1.58 -0.43
CA THR A 77 -11.98 -1.61 -1.81
C THR A 77 -10.92 -2.22 -2.73
N GLY A 78 -9.65 -1.89 -2.52
CA GLY A 78 -8.59 -2.47 -3.32
C GLY A 78 -8.48 -3.97 -3.16
N SER A 79 -8.75 -4.48 -1.96
CA SER A 79 -8.71 -5.92 -1.75
C SER A 79 -9.84 -6.63 -2.49
N LEU A 80 -11.00 -5.99 -2.58
CA LEU A 80 -12.12 -6.58 -3.32
C LEU A 80 -11.82 -6.64 -4.82
N ILE A 81 -11.14 -5.64 -5.35
CA ILE A 81 -10.80 -5.63 -6.78
C ILE A 81 -9.86 -6.79 -7.09
N HIS A 82 -8.89 -7.05 -6.20
CA HIS A 82 -7.99 -8.17 -6.41
C HIS A 82 -8.65 -9.50 -6.09
N ASP A 83 -9.56 -9.54 -5.12
CA ASP A 83 -10.28 -10.79 -4.83
C ASP A 83 -11.08 -11.27 -6.04
N ASP A 84 -11.64 -10.34 -6.81
CA ASP A 84 -12.47 -10.70 -7.95
C ASP A 84 -11.67 -11.14 -9.17
N LEU A 85 -10.36 -11.00 -9.15
CA LEU A 85 -9.54 -11.36 -10.30
C LEU A 85 -9.68 -12.86 -10.60
N PRO A 86 -9.55 -13.25 -11.87
CA PRO A 86 -9.68 -14.67 -12.21
C PRO A 86 -8.70 -15.57 -11.47
N ALA A 87 -7.48 -15.10 -11.24
CA ALA A 87 -6.50 -15.90 -10.51
C ALA A 87 -6.86 -16.08 -9.04
N MET A 88 -7.79 -15.27 -8.52
CA MET A 88 -8.18 -15.37 -7.12
C MET A 88 -9.51 -16.07 -6.99
N ASP A 89 -10.57 -15.32 -6.63
CA ASP A 89 -11.89 -15.92 -6.50
C ASP A 89 -12.61 -16.04 -7.84
N ASP A 90 -12.18 -15.31 -8.87
CA ASP A 90 -12.75 -15.38 -10.21
C ASP A 90 -14.25 -15.14 -10.19
N ASP A 91 -14.59 -13.88 -9.93
CA ASP A 91 -15.98 -13.43 -9.83
C ASP A 91 -16.25 -12.43 -10.96
N ASP A 92 -17.22 -12.75 -11.80
CA ASP A 92 -17.69 -11.79 -12.80
C ASP A 92 -18.60 -10.74 -12.18
N TYR A 93 -19.30 -11.09 -11.10
CA TYR A 93 -20.24 -10.18 -10.46
C TYR A 93 -20.07 -10.24 -8.94
N ARG A 94 -20.20 -9.08 -8.29
CA ARG A 94 -20.46 -9.02 -6.86
C ARG A 94 -21.55 -7.99 -6.63
N ARG A 95 -22.48 -8.31 -5.74
CA ARG A 95 -23.67 -7.48 -5.49
C ARG A 95 -24.48 -7.27 -6.77
N GLY A 96 -24.44 -8.26 -7.66
CA GLY A 96 -25.15 -8.15 -8.93
C GLY A 96 -24.60 -7.12 -9.89
N ARG A 97 -23.38 -6.62 -9.66
CA ARG A 97 -22.76 -5.65 -10.54
C ARG A 97 -21.49 -6.23 -11.15
N LEU A 98 -21.21 -5.82 -12.39
CA LEU A 98 -20.03 -6.29 -13.09
C LEU A 98 -18.77 -5.85 -12.36
N THR A 99 -17.83 -6.78 -12.18
CA THR A 99 -16.63 -6.49 -11.41
C THR A 99 -15.68 -5.59 -12.20
N ASN A 100 -14.61 -5.16 -11.52
CA ASN A 100 -13.70 -4.19 -12.12
C ASN A 100 -12.93 -4.80 -13.29
N HIS A 101 -12.39 -6.01 -13.09
CA HIS A 101 -11.62 -6.64 -14.16
C HIS A 101 -12.49 -7.06 -15.34
N LYS A 102 -13.79 -7.19 -15.14
CA LYS A 102 -14.67 -7.56 -16.25
C LYS A 102 -14.98 -6.37 -17.14
N LYS A 103 -15.08 -5.17 -16.57
CA LYS A 103 -15.38 -3.98 -17.35
C LYS A 103 -14.14 -3.30 -17.91
N PHE A 104 -13.02 -3.32 -17.19
CA PHE A 104 -11.82 -2.61 -17.61
C PHE A 104 -10.66 -3.51 -17.99
N GLY A 105 -10.72 -4.80 -17.70
CA GLY A 105 -9.63 -5.70 -17.97
C GLY A 105 -8.85 -6.05 -16.71
N GLU A 106 -8.09 -7.14 -16.79
CA GLU A 106 -7.36 -7.62 -15.61
C GLU A 106 -6.22 -6.67 -15.24
N ALA A 107 -5.46 -6.21 -16.23
CA ALA A 107 -4.36 -5.29 -15.94
C ALA A 107 -4.86 -4.01 -15.29
N MET A 108 -5.99 -3.48 -15.75
CA MET A 108 -6.52 -2.24 -15.19
C MET A 108 -7.00 -2.46 -13.75
N ALA A 109 -7.65 -3.61 -13.48
CA ALA A 109 -8.09 -3.89 -12.12
C ALA A 109 -6.91 -4.09 -11.17
N ILE A 110 -5.85 -4.76 -11.64
CA ILE A 110 -4.67 -4.94 -10.81
C ILE A 110 -4.08 -3.59 -10.42
N LEU A 111 -3.94 -2.68 -11.38
CA LEU A 111 -3.35 -1.38 -11.11
C LEU A 111 -4.32 -0.48 -10.33
N ALA A 112 -5.62 -0.63 -10.56
CA ALA A 112 -6.60 0.14 -9.78
C ALA A 112 -6.52 -0.23 -8.31
N GLY A 113 -6.35 -1.53 -8.02
CA GLY A 113 -6.16 -1.94 -6.63
C GLY A 113 -4.84 -1.49 -6.07
N ASP A 114 -3.78 -1.56 -6.88
CA ASP A 114 -2.46 -1.09 -6.43
C ASP A 114 -2.50 0.39 -6.09
N ALA A 115 -3.21 1.19 -6.89
CA ALA A 115 -3.31 2.61 -6.63
C ALA A 115 -4.02 2.87 -5.30
N LEU A 116 -5.13 2.17 -5.06
CA LEU A 116 -5.84 2.33 -3.79
C LEU A 116 -4.96 1.96 -2.61
N PHE A 117 -4.18 0.89 -2.73
CA PHE A 117 -3.27 0.50 -1.66
C PHE A 117 -2.24 1.59 -1.39
N LEU A 118 -1.60 2.09 -2.45
CA LEU A 118 -0.52 3.06 -2.29
C LEU A 118 -1.02 4.46 -2.00
N ASP A 119 -2.23 4.81 -2.44
CA ASP A 119 -2.79 6.13 -2.17
C ASP A 119 -3.41 6.23 -0.78
N SER A 120 -3.76 5.11 -0.16
CA SER A 120 -4.55 5.14 1.07
C SER A 120 -3.86 5.96 2.16
N TYR A 121 -2.59 5.66 2.44
CA TYR A 121 -1.90 6.33 3.53
C TYR A 121 -1.71 7.82 3.27
N ALA A 122 -1.83 8.27 2.03
CA ALA A 122 -1.67 9.69 1.73
C ALA A 122 -2.78 10.52 2.36
N LEU A 123 -3.99 9.96 2.49
CA LEU A 123 -5.08 10.72 3.10
C LEU A 123 -4.88 10.89 4.59
N ILE A 124 -4.21 9.95 5.25
CA ILE A 124 -3.87 10.13 6.66
C ILE A 124 -2.73 11.13 6.81
N ALA A 125 -1.73 11.05 5.93
CA ALA A 125 -0.58 11.92 6.05
C ALA A 125 -0.93 13.37 5.71
N GLN A 126 -1.95 13.59 4.88
CA GLN A 126 -2.34 14.92 4.44
C GLN A 126 -3.49 15.50 5.26
N ALA A 127 -4.03 14.76 6.21
CA ALA A 127 -5.14 15.24 7.03
C ALA A 127 -4.64 16.23 8.08
N ASP A 128 -5.59 16.98 8.63
CA ASP A 128 -5.28 17.96 9.67
C ASP A 128 -5.34 17.26 11.04
N LEU A 129 -4.25 16.58 11.36
CA LEU A 129 -4.11 15.85 12.62
C LEU A 129 -2.67 16.01 13.11
N PRO A 130 -2.46 15.84 14.42
CA PRO A 130 -1.07 15.85 14.92
C PRO A 130 -0.23 14.78 14.26
N SER A 131 1.08 15.05 14.16
CA SER A 131 1.98 14.18 13.41
C SER A 131 2.08 12.80 14.04
N GLN A 132 2.20 12.73 15.37
CA GLN A 132 2.32 11.42 16.01
C GLN A 132 1.03 10.62 15.89
N ILE A 133 -0.12 11.29 15.92
CA ILE A 133 -1.39 10.60 15.69
C ILE A 133 -1.42 9.98 14.31
N LYS A 134 -0.94 10.72 13.30
CA LYS A 134 -0.88 10.18 11.95
C LYS A 134 0.06 8.98 11.88
N VAL A 135 1.17 9.03 12.61
CA VAL A 135 2.10 7.89 12.62
C VAL A 135 1.45 6.67 13.22
N ASP A 136 0.72 6.84 14.33
CA ASP A 136 0.07 5.69 14.96
C ASP A 136 -1.07 5.16 14.10
N LEU A 137 -1.82 6.05 13.45
CA LEU A 137 -2.88 5.61 12.55
C LEU A 137 -2.32 4.86 11.35
N ILE A 138 -1.20 5.32 10.80
CA ILE A 138 -0.63 4.68 9.63
C ILE A 138 0.00 3.34 9.99
N ALA A 139 0.72 3.28 11.11
CA ALA A 139 1.38 2.05 11.51
C ALA A 139 0.36 0.94 11.78
N ASN A 140 -0.73 1.26 12.46
CA ASN A 140 -1.74 0.24 12.77
C ASN A 140 -2.53 -0.15 11.53
N LEU A 141 -2.75 0.79 10.61
CA LEU A 141 -3.45 0.47 9.37
C LEU A 141 -2.63 -0.48 8.51
N SER A 142 -1.32 -0.25 8.42
CA SER A 142 -0.46 -1.16 7.69
C SER A 142 -0.39 -2.52 8.38
N LEU A 143 -0.31 -2.51 9.72
CA LEU A 143 -0.24 -3.76 10.46
C LEU A 143 -1.47 -4.64 10.19
N ALA A 144 -2.64 -4.02 10.06
CA ALA A 144 -3.86 -4.76 9.84
C ALA A 144 -4.10 -5.16 8.39
N SER A 145 -3.37 -4.56 7.44
CA SER A 145 -3.62 -4.76 6.02
C SER A 145 -2.56 -5.59 5.31
N GLY A 146 -1.32 -5.61 5.79
CA GLY A 146 -0.24 -6.23 5.04
C GLY A 146 0.03 -7.69 5.37
N SER A 147 1.31 -8.08 5.36
CA SER A 147 1.69 -9.47 5.59
C SER A 147 1.41 -9.94 7.01
N LEU A 148 1.05 -9.05 7.93
CA LEU A 148 0.66 -9.43 9.27
C LEU A 148 -0.84 -9.30 9.49
N GLY A 149 -1.61 -9.09 8.44
CA GLY A 149 -3.04 -8.94 8.57
C GLY A 149 -3.82 -9.41 7.36
N MET A 150 -4.37 -8.46 6.60
CA MET A 150 -5.33 -8.79 5.54
C MET A 150 -4.70 -9.71 4.48
N VAL A 151 -3.54 -9.32 3.94
CA VAL A 151 -2.94 -10.11 2.88
C VAL A 151 -2.57 -11.50 3.39
N ALA A 152 -2.06 -11.59 4.61
CA ALA A 152 -1.77 -12.90 5.19
C ALA A 152 -3.04 -13.73 5.31
N GLY A 153 -4.16 -13.09 5.66
CA GLY A 153 -5.42 -13.83 5.72
C GLY A 153 -5.87 -14.31 4.36
N GLN A 154 -5.67 -13.50 3.32
CA GLN A 154 -6.01 -13.93 1.97
C GLN A 154 -5.14 -15.10 1.53
N VAL A 155 -3.87 -15.12 1.94
CA VAL A 155 -3.00 -16.23 1.58
C VAL A 155 -3.45 -17.51 2.26
N LEU A 156 -3.64 -17.45 3.58
CA LEU A 156 -4.06 -18.64 4.32
C LEU A 156 -5.44 -19.12 3.89
N ASP A 157 -6.32 -18.19 3.51
CA ASP A 157 -7.64 -18.60 3.02
C ASP A 157 -7.54 -19.31 1.68
N MET A 158 -6.70 -18.79 0.78
CA MET A 158 -6.53 -19.42 -0.52
C MET A 158 -5.92 -20.81 -0.38
N GLU A 159 -4.94 -20.95 0.51
CA GLU A 159 -4.29 -22.24 0.72
C GLU A 159 -5.12 -23.20 1.56
N GLY A 160 -6.12 -22.68 2.29
CA GLY A 160 -7.04 -23.54 2.99
C GLY A 160 -8.10 -24.18 2.12
N GLU A 161 -8.11 -23.84 0.82
CA GLU A 161 -9.09 -24.43 -0.09
C GLU A 161 -8.86 -25.93 -0.22
N HIS A 162 -9.96 -26.67 -0.35
CA HIS A 162 -9.93 -28.13 -0.48
C HIS A 162 -9.21 -28.79 0.69
N GLN A 163 -9.26 -28.16 1.85
CA GLN A 163 -8.60 -28.68 3.05
C GLN A 163 -9.55 -28.61 4.23
N HIS A 164 -9.48 -29.61 5.10
CA HIS A 164 -10.27 -29.65 6.32
C HIS A 164 -9.41 -29.12 7.46
N LEU A 165 -9.70 -27.89 7.88
CA LEU A 165 -8.90 -27.19 8.88
C LEU A 165 -9.56 -27.30 10.25
N SER A 166 -8.77 -27.03 11.29
CA SER A 166 -9.29 -26.93 12.64
C SER A 166 -9.91 -25.56 12.86
N LEU A 167 -10.60 -25.41 13.99
CA LEU A 167 -11.26 -24.14 14.28
C LEU A 167 -10.24 -23.03 14.55
N GLU A 168 -9.09 -23.37 15.15
CA GLU A 168 -8.06 -22.36 15.39
C GLU A 168 -7.42 -21.90 14.09
N GLU A 169 -7.40 -22.76 13.06
CA GLU A 169 -6.91 -22.33 11.75
C GLU A 169 -7.92 -21.46 11.04
N LEU A 170 -9.22 -21.80 11.14
CA LEU A 170 -10.24 -20.96 10.55
C LEU A 170 -10.32 -19.60 11.23
N GLN A 171 -10.18 -19.58 12.56
CA GLN A 171 -10.19 -18.31 13.28
C GLN A 171 -8.99 -17.46 12.92
N THR A 172 -7.82 -18.09 12.73
CA THR A 172 -6.64 -17.35 12.31
C THR A 172 -6.85 -16.74 10.93
N ILE A 173 -7.50 -17.47 10.02
CA ILE A 173 -7.76 -16.96 8.68
C ILE A 173 -8.71 -15.77 8.75
N HIS A 174 -9.80 -15.91 9.49
CA HIS A 174 -10.81 -14.85 9.52
C HIS A 174 -10.34 -13.64 10.31
N ALA A 175 -9.61 -13.86 11.40
CA ALA A 175 -9.14 -12.74 12.20
C ALA A 175 -8.19 -11.84 11.41
N ASN A 176 -7.48 -12.40 10.43
CA ASN A 176 -6.55 -11.63 9.62
C ASN A 176 -7.19 -11.13 8.33
N LYS A 177 -7.96 -11.98 7.64
CA LYS A 177 -8.50 -11.59 6.34
C LYS A 177 -9.54 -10.49 6.47
N THR A 178 -10.39 -10.57 7.50
CA THR A 178 -11.48 -9.61 7.65
C THR A 178 -11.49 -8.97 9.03
N GLY A 179 -10.99 -9.69 10.04
CA GLY A 179 -11.17 -9.25 11.41
C GLY A 179 -10.41 -7.97 11.74
N LYS A 180 -9.15 -7.87 11.28
CA LYS A 180 -8.31 -6.76 11.73
C LYS A 180 -8.74 -5.44 11.11
N LEU A 181 -9.14 -5.44 9.83
CA LEU A 181 -9.66 -4.21 9.23
C LEU A 181 -11.05 -3.87 9.73
N LEU A 182 -11.79 -4.83 10.27
CA LEU A 182 -13.05 -4.51 10.93
C LEU A 182 -12.82 -3.95 12.33
N ALA A 183 -11.72 -4.32 12.97
CA ALA A 183 -11.40 -3.80 14.30
C ALA A 183 -10.61 -2.51 14.25
N TYR A 184 -9.95 -2.21 13.13
CA TYR A 184 -9.18 -0.98 13.01
C TYR A 184 -9.99 0.29 13.26
N PRO A 185 -11.23 0.44 12.76
CA PRO A 185 -11.97 1.68 13.06
C PRO A 185 -12.14 1.93 14.55
N PHE A 186 -12.26 0.89 15.36
CA PHE A 186 -12.33 1.08 16.81
C PHE A 186 -10.99 1.58 17.34
N GLN A 187 -9.89 0.97 16.91
CA GLN A 187 -8.57 1.40 17.37
C GLN A 187 -8.22 2.78 16.81
N ALA A 188 -8.58 3.05 15.56
CA ALA A 188 -8.32 4.36 14.96
C ALA A 188 -9.09 5.46 15.68
N ALA A 189 -10.32 5.19 16.10
CA ALA A 189 -11.09 6.18 16.83
C ALA A 189 -10.50 6.43 18.21
N ALA A 190 -9.98 5.39 18.86
CA ALA A 190 -9.37 5.58 20.17
C ALA A 190 -8.09 6.40 20.08
N ILE A 191 -7.35 6.26 18.98
CA ILE A 191 -6.12 7.04 18.80
C ILE A 191 -6.47 8.50 18.52
N ILE A 192 -7.48 8.75 17.68
CA ILE A 192 -7.89 10.12 17.38
C ILE A 192 -8.44 10.80 18.61
N ALA A 193 -9.16 10.06 19.45
CA ALA A 193 -9.71 10.59 20.70
C ALA A 193 -8.67 10.68 21.81
N GLU A 194 -7.43 10.23 21.56
CA GLU A 194 -6.35 10.30 22.54
C GLU A 194 -6.71 9.55 23.82
N LEU A 195 -7.13 8.30 23.66
CA LEU A 195 -7.46 7.47 24.81
C LEU A 195 -6.20 6.83 25.38
N SER A 196 -6.32 6.35 26.61
CA SER A 196 -5.20 5.67 27.26
C SER A 196 -4.88 4.38 26.51
N PRO A 197 -3.64 3.91 26.61
CA PRO A 197 -3.29 2.64 25.95
C PRO A 197 -4.16 1.47 26.38
N GLU A 198 -4.69 1.48 27.60
CA GLU A 198 -5.63 0.43 28.00
C GLU A 198 -6.95 0.59 27.27
N MET A 199 -7.54 1.78 27.30
CA MET A 199 -8.80 1.98 26.60
C MET A 199 -8.66 1.75 25.10
N GLN A 200 -7.44 1.84 24.56
CA GLN A 200 -7.22 1.52 23.16
C GLN A 200 -7.41 0.03 22.90
N VAL A 201 -6.82 -0.82 23.74
CA VAL A 201 -6.93 -2.25 23.50
C VAL A 201 -8.33 -2.75 23.89
N LYS A 202 -9.00 -2.06 24.81
CA LYS A 202 -10.38 -2.42 25.14
C LYS A 202 -11.31 -2.13 23.97
N LEU A 203 -11.19 -0.94 23.38
CA LEU A 203 -11.96 -0.64 22.17
C LEU A 203 -11.59 -1.57 21.02
N LYS A 204 -10.31 -1.97 20.94
CA LYS A 204 -9.89 -2.90 19.90
C LYS A 204 -10.52 -4.27 20.09
N THR A 205 -10.61 -4.75 21.33
CA THR A 205 -11.19 -6.06 21.59
C THR A 205 -12.66 -6.09 21.18
N VAL A 206 -13.40 -5.01 21.43
CA VAL A 206 -14.79 -4.93 20.99
C VAL A 206 -14.86 -5.01 19.47
N GLY A 207 -13.95 -4.32 18.78
CA GLY A 207 -13.93 -4.40 17.32
C GLY A 207 -13.60 -5.79 16.82
N GLU A 208 -12.70 -6.49 17.52
CA GLU A 208 -12.37 -7.86 17.15
C GLU A 208 -13.57 -8.78 17.34
N LEU A 209 -14.31 -8.61 18.44
CA LEU A 209 -15.50 -9.43 18.66
C LEU A 209 -16.56 -9.16 17.61
N ILE A 210 -16.80 -7.89 17.29
CA ILE A 210 -17.77 -7.55 16.26
C ILE A 210 -17.32 -8.07 14.90
N GLY A 211 -16.03 -7.96 14.60
CA GLY A 211 -15.50 -8.49 13.36
C GLY A 211 -15.56 -10.00 13.29
N LEU A 212 -15.45 -10.67 14.43
CA LEU A 212 -15.57 -12.13 14.44
C LEU A 212 -17.00 -12.56 14.14
N ALA A 213 -17.98 -11.96 14.82
CA ALA A 213 -19.37 -12.30 14.57
C ALA A 213 -19.81 -11.87 13.18
N PHE A 214 -19.21 -10.81 12.64
CA PHE A 214 -19.55 -10.36 11.29
C PHE A 214 -19.22 -11.44 10.27
N GLN A 215 -18.07 -12.10 10.42
CA GLN A 215 -17.71 -13.16 9.49
C GLN A 215 -18.54 -14.42 9.71
N VAL A 216 -18.82 -14.75 10.97
CA VAL A 216 -19.66 -15.92 11.27
C VAL A 216 -21.06 -15.72 10.70
N ARG A 217 -21.57 -14.49 10.78
CA ARG A 217 -22.90 -14.20 10.22
C ARG A 217 -22.90 -14.41 8.70
N ASP A 218 -21.81 -14.03 8.03
CA ASP A 218 -21.74 -14.22 6.58
C ASP A 218 -21.69 -15.71 6.22
N ASP A 219 -20.95 -16.50 6.99
CA ASP A 219 -20.90 -17.94 6.73
C ASP A 219 -22.25 -18.59 6.91
N VAL A 220 -23.05 -18.10 7.87
CA VAL A 220 -24.39 -18.63 8.06
C VAL A 220 -25.32 -18.16 6.94
N LEU A 221 -25.20 -16.90 6.54
CA LEU A 221 -26.07 -16.37 5.48
C LEU A 221 -25.74 -16.98 4.13
N ASP A 222 -24.49 -17.36 3.90
CA ASP A 222 -24.12 -18.03 2.66
C ASP A 222 -24.75 -19.41 2.55
N VAL A 223 -25.21 -19.98 3.65
CA VAL A 223 -25.87 -21.29 3.65
C VAL A 223 -27.37 -21.14 3.84
N THR A 224 -27.80 -20.37 4.85
CA THR A 224 -29.23 -20.19 5.09
C THR A 224 -29.91 -19.50 3.92
N ALA A 225 -29.30 -18.43 3.42
CA ALA A 225 -29.83 -17.69 2.27
C ALA A 225 -29.06 -18.01 0.99
N SER A 226 -28.82 -19.29 0.75
CA SER A 226 -28.07 -19.72 -0.44
C SER A 226 -28.92 -19.56 -1.70
N ALA A 240 -16.02 -24.23 -5.17
CA ALA A 240 -14.81 -24.68 -4.48
C ALA A 240 -15.15 -25.34 -3.15
N GLU A 241 -14.12 -25.58 -2.32
CA GLU A 241 -14.27 -26.25 -1.02
C GLU A 241 -13.49 -25.46 0.03
N LYS A 242 -14.12 -24.43 0.58
CA LYS A 242 -13.56 -23.66 1.68
C LYS A 242 -14.28 -24.03 2.97
N SER A 243 -13.52 -24.18 4.05
CA SER A 243 -14.11 -24.48 5.34
C SER A 243 -14.85 -23.26 5.87
N THR A 244 -16.05 -23.47 6.39
CA THR A 244 -16.88 -22.41 6.95
C THR A 244 -17.24 -22.75 8.38
N TYR A 245 -17.80 -21.77 9.08
CA TYR A 245 -18.26 -22.01 10.44
C TYR A 245 -19.38 -23.05 10.51
N PRO A 246 -20.44 -22.97 9.71
CA PRO A 246 -21.45 -24.05 9.75
C PRO A 246 -20.89 -25.39 9.27
N ALA A 247 -19.80 -25.41 8.51
CA ALA A 247 -19.24 -26.66 8.04
C ALA A 247 -18.42 -27.38 9.11
N LEU A 248 -18.06 -26.69 10.19
CA LEU A 248 -17.26 -27.26 11.26
C LEU A 248 -18.00 -27.43 12.57
N LEU A 249 -18.98 -26.57 12.87
CA LEU A 249 -19.76 -26.67 14.09
C LEU A 249 -21.23 -26.99 13.88
N GLY A 250 -21.77 -26.75 12.69
CA GLY A 250 -23.19 -26.88 12.46
C GLY A 250 -23.87 -25.52 12.41
N LEU A 251 -24.97 -25.45 11.65
CA LEU A 251 -25.65 -24.18 11.44
C LEU A 251 -26.30 -23.65 12.71
N GLU A 252 -26.55 -24.51 13.70
CA GLU A 252 -27.18 -24.08 14.94
C GLU A 252 -26.15 -23.50 15.92
N GLU A 253 -25.03 -24.20 16.11
CA GLU A 253 -23.99 -23.67 16.99
C GLU A 253 -23.35 -22.43 16.38
N SER A 254 -23.30 -22.33 15.05
CA SER A 254 -22.78 -21.12 14.42
C SER A 254 -23.63 -19.91 14.76
N ILE A 255 -24.94 -20.10 14.87
CA ILE A 255 -25.81 -19.02 15.33
C ILE A 255 -25.56 -18.73 16.80
N ALA A 256 -25.45 -19.79 17.61
CA ALA A 256 -25.18 -19.60 19.04
C ALA A 256 -23.84 -18.91 19.25
N PHE A 257 -22.81 -19.34 18.54
CA PHE A 257 -21.50 -18.70 18.67
C PHE A 257 -21.53 -17.26 18.17
N CYS A 258 -22.33 -16.98 17.14
CA CYS A 258 -22.43 -15.62 16.64
C CYS A 258 -23.11 -14.70 17.64
N ASN A 259 -24.29 -15.10 18.14
CA ASN A 259 -25.01 -14.27 19.09
C ASN A 259 -24.29 -14.19 20.43
N GLN A 260 -23.61 -15.26 20.84
CA GLN A 260 -22.81 -15.20 22.07
C GLN A 260 -21.63 -14.26 21.92
N THR A 261 -21.02 -14.23 20.73
CA THR A 261 -19.93 -13.29 20.49
C THR A 261 -20.45 -11.85 20.49
N LEU A 262 -21.63 -11.63 19.90
CA LEU A 262 -22.22 -10.29 19.93
C LEU A 262 -22.64 -9.90 21.35
N ASP A 263 -23.02 -10.86 22.18
CA ASP A 263 -23.32 -10.56 23.58
C ASP A 263 -22.06 -10.14 24.33
N GLN A 264 -20.92 -10.76 24.01
CA GLN A 264 -19.67 -10.35 24.63
C GLN A 264 -19.26 -8.94 24.23
N ALA A 265 -19.61 -8.53 23.00
CA ALA A 265 -19.31 -7.16 22.58
C ALA A 265 -20.13 -6.15 23.37
N ASN A 266 -21.43 -6.42 23.56
CA ASN A 266 -22.27 -5.52 24.34
C ASN A 266 -21.83 -5.45 25.79
N GLU A 267 -21.44 -6.59 26.36
CA GLU A 267 -20.96 -6.59 27.75
C GLU A 267 -19.67 -5.78 27.87
N LYS A 268 -18.79 -5.89 26.88
CA LYS A 268 -17.57 -5.08 26.88
C LYS A 268 -17.88 -3.62 26.61
N LEU A 269 -18.83 -3.35 25.71
CA LEU A 269 -19.20 -1.96 25.42
C LEU A 269 -19.73 -1.25 26.65
N GLU A 270 -20.59 -1.91 27.42
CA GLU A 270 -21.09 -1.31 28.65
C GLU A 270 -19.99 -1.16 29.68
N GLU A 271 -19.12 -2.17 29.79
CA GLU A 271 -17.99 -2.11 30.71
C GLU A 271 -17.10 -0.91 30.41
N ILE A 272 -16.95 -0.59 29.12
CA ILE A 272 -16.19 0.59 28.73
C ILE A 272 -16.90 1.87 29.13
N ALA A 273 -18.24 1.87 29.07
CA ALA A 273 -19.01 3.05 29.45
C ALA A 273 -18.90 3.34 30.94
N GLN A 274 -18.65 2.32 31.76
CA GLN A 274 -18.49 2.53 33.20
C GLN A 274 -17.15 3.15 33.56
N GLN A 275 -16.23 3.28 32.59
CA GLN A 275 -14.90 3.79 32.85
C GLN A 275 -14.54 5.01 32.00
N LEU A 276 -15.44 5.46 31.11
CA LEU A 276 -15.09 6.44 30.10
C LEU A 276 -16.37 7.04 29.57
N PRO A 277 -16.37 8.35 29.23
CA PRO A 277 -17.55 8.95 28.59
C PRO A 277 -17.88 8.30 27.26
N PHE A 278 -18.88 7.42 27.26
CA PHE A 278 -19.17 6.59 26.10
C PHE A 278 -20.68 6.49 25.90
N GLU A 279 -21.14 6.76 24.67
CA GLU A 279 -22.53 6.63 24.29
C GLU A 279 -22.65 5.35 23.46
N THR A 280 -22.98 4.25 24.13
CA THR A 280 -22.82 2.92 23.55
C THR A 280 -23.97 2.48 22.65
N GLU A 281 -25.04 3.26 22.55
CA GLU A 281 -26.24 2.75 21.88
C GLU A 281 -26.13 2.81 20.36
N SER A 282 -25.26 3.67 19.81
CA SER A 282 -24.98 3.57 18.39
C SER A 282 -24.24 2.27 18.07
N ILE A 283 -23.26 1.91 18.89
CA ILE A 283 -22.47 0.71 18.64
C ILE A 283 -23.26 -0.54 19.00
N VAL A 284 -24.04 -0.49 20.08
CA VAL A 284 -24.91 -1.62 20.43
C VAL A 284 -25.89 -1.90 19.29
N SER A 285 -26.35 -0.85 18.59
CA SER A 285 -27.25 -1.05 17.47
C SER A 285 -26.58 -1.82 16.34
N VAL A 286 -25.32 -1.50 16.04
CA VAL A 286 -24.60 -2.25 15.02
C VAL A 286 -24.38 -3.68 15.47
N VAL A 287 -24.20 -3.88 16.78
CA VAL A 287 -24.09 -5.23 17.31
C VAL A 287 -25.38 -6.00 17.12
N GLU A 288 -26.52 -5.37 17.41
CA GLU A 288 -27.80 -6.06 17.28
C GLU A 288 -28.21 -6.25 15.82
N SER A 289 -27.71 -5.41 14.90
CA SER A 289 -28.02 -5.60 13.49
C SER A 289 -27.42 -6.88 12.93
N LEU A 290 -26.39 -7.42 13.58
CA LEU A 290 -25.77 -8.67 13.18
C LEU A 290 -26.37 -9.88 13.88
N ARG A 291 -27.30 -9.67 14.82
CA ARG A 291 -27.86 -10.78 15.59
C ARG A 291 -28.76 -11.63 14.70
N ILE A 292 -28.47 -12.93 14.65
CA ILE A 292 -29.24 -13.87 13.83
C ILE A 292 -30.53 -14.18 14.57
N ASN A 293 -31.62 -13.52 14.17
CA ASN A 293 -32.93 -13.70 14.80
C ASN A 293 -32.87 -13.44 16.30
N MET B 4 33.17 -1.94 1.55
CA MET B 4 33.28 -0.94 2.60
C MET B 4 31.88 -0.48 3.00
N LYS B 5 31.70 0.83 3.23
CA LYS B 5 30.38 1.36 3.55
C LYS B 5 29.35 0.98 2.49
N LYS B 6 29.78 0.84 1.23
CA LYS B 6 28.86 0.39 0.20
C LYS B 6 28.25 -0.96 0.55
N GLN B 7 29.03 -1.85 1.17
CA GLN B 7 28.46 -3.12 1.62
C GLN B 7 27.86 -3.01 3.01
N GLU B 8 28.34 -2.08 3.84
CA GLU B 8 27.68 -1.81 5.12
C GLU B 8 26.33 -1.15 4.92
N LYS B 9 26.20 -0.29 3.89
CA LYS B 9 24.90 0.31 3.60
C LYS B 9 23.92 -0.72 3.05
N LEU B 10 24.39 -1.57 2.12
CA LEU B 10 23.52 -2.61 1.58
C LEU B 10 23.19 -3.68 2.62
N ALA B 11 24.11 -3.94 3.55
CA ALA B 11 23.81 -4.90 4.62
C ALA B 11 22.72 -4.38 5.55
N LEU B 12 22.68 -3.07 5.79
CA LEU B 12 21.64 -2.50 6.62
C LEU B 12 20.27 -2.64 5.96
N VAL B 13 20.21 -2.41 4.65
CA VAL B 13 18.94 -2.54 3.93
C VAL B 13 18.48 -4.00 3.91
N GLU B 14 19.42 -4.92 3.68
CA GLU B 14 19.05 -6.34 3.64
C GLU B 14 18.58 -6.81 5.02
N SER B 15 19.24 -6.34 6.08
CA SER B 15 18.83 -6.72 7.43
C SER B 15 17.43 -6.20 7.75
N ALA B 16 17.16 -4.94 7.40
CA ALA B 16 15.82 -4.39 7.65
C ALA B 16 14.77 -5.11 6.82
N LEU B 17 15.13 -5.54 5.60
CA LEU B 17 14.21 -6.33 4.79
C LEU B 17 13.93 -7.68 5.45
N GLU B 18 14.98 -8.38 5.86
CA GLU B 18 14.78 -9.71 6.43
C GLU B 18 14.19 -9.66 7.83
N ASP B 19 14.45 -8.59 8.59
CA ASP B 19 13.86 -8.49 9.92
C ASP B 19 12.36 -8.31 9.84
N PHE B 20 11.89 -7.43 8.94
CA PHE B 20 10.45 -7.22 8.80
C PHE B 20 9.76 -8.48 8.29
N TYR B 21 10.37 -9.16 7.33
CA TYR B 21 9.84 -10.42 6.81
C TYR B 21 10.52 -11.60 7.48
N GLY B 22 10.63 -11.55 8.81
CA GLY B 22 11.32 -12.59 9.54
C GLY B 22 10.53 -13.22 10.67
N ASP B 23 10.88 -12.88 11.91
CA ASP B 23 10.34 -13.60 13.06
C ASP B 23 8.86 -13.35 13.27
N GLN B 24 8.35 -12.20 12.82
N GLN B 24 8.35 -12.20 12.82
CA GLN B 24 6.94 -11.87 13.01
CA GLN B 24 6.93 -11.89 13.01
C GLN B 24 6.04 -12.47 11.95
C GLN B 24 6.04 -12.53 11.97
N GLN B 25 6.60 -12.99 10.86
CA GLN B 25 5.79 -13.54 9.77
C GLN B 25 5.24 -14.92 10.15
N PHE B 26 3.93 -15.10 9.97
CA PHE B 26 3.28 -16.38 10.22
C PHE B 26 2.75 -17.05 8.96
N ALA B 27 2.45 -16.27 7.91
CA ALA B 27 2.08 -16.83 6.61
C ALA B 27 3.36 -17.24 5.89
N SER B 28 3.71 -18.52 6.01
CA SER B 28 5.01 -18.99 5.55
C SER B 28 5.16 -18.83 4.04
N SER B 29 4.09 -19.06 3.28
CA SER B 29 4.19 -18.97 1.82
C SER B 29 4.31 -17.52 1.38
N LEU B 30 3.60 -16.60 2.04
CA LEU B 30 3.70 -15.20 1.68
C LEU B 30 5.11 -14.66 1.92
N ARG B 31 5.70 -15.02 3.07
CA ARG B 31 7.07 -14.59 3.36
C ARG B 31 8.04 -15.14 2.34
N GLU B 32 7.85 -16.41 1.93
CA GLU B 32 8.76 -17.01 0.96
C GLU B 32 8.63 -16.33 -0.41
N SER B 33 7.41 -16.01 -0.82
CA SER B 33 7.22 -15.37 -2.11
C SER B 33 7.80 -13.95 -2.10
N VAL B 34 7.62 -13.22 -1.00
CA VAL B 34 8.15 -11.87 -0.90
C VAL B 34 9.68 -11.90 -0.92
N LEU B 35 10.27 -12.76 -0.11
CA LEU B 35 11.74 -12.82 -0.04
C LEU B 35 12.35 -13.30 -1.34
N TYR B 36 11.61 -14.09 -2.13
CA TYR B 36 12.14 -14.55 -3.42
C TYR B 36 12.36 -13.39 -4.37
N SER B 37 11.36 -12.49 -4.48
CA SER B 37 11.53 -11.33 -5.34
C SER B 37 12.50 -10.32 -4.75
N ILE B 38 12.60 -10.27 -3.42
CA ILE B 38 13.63 -9.44 -2.79
C ILE B 38 15.02 -10.00 -3.10
N HIS B 39 15.18 -11.32 -2.98
CA HIS B 39 16.43 -11.98 -3.33
C HIS B 39 16.56 -12.22 -4.83
N ALA B 40 15.58 -11.80 -5.64
CA ALA B 40 15.71 -11.94 -7.08
C ALA B 40 16.90 -11.16 -7.62
N GLY B 41 17.42 -10.20 -6.87
CA GLY B 41 18.68 -9.57 -7.18
C GLY B 41 18.53 -8.09 -7.48
N GLY B 42 19.66 -7.49 -7.85
CA GLY B 42 19.71 -6.08 -8.14
C GLY B 42 20.73 -5.37 -7.28
N LYS B 43 21.35 -4.32 -7.81
CA LYS B 43 22.28 -3.52 -7.02
C LYS B 43 21.58 -2.77 -5.90
N ARG B 44 20.24 -2.74 -5.91
CA ARG B 44 19.45 -1.94 -4.97
C ARG B 44 19.78 -0.45 -5.15
N ILE B 45 19.74 -0.01 -6.41
CA ILE B 45 20.18 1.35 -6.75
C ILE B 45 19.33 2.38 -6.04
N ARG B 46 18.04 2.10 -5.83
CA ARG B 46 17.17 3.09 -5.20
C ARG B 46 17.43 3.23 -3.70
N PRO B 47 17.45 2.16 -2.90
CA PRO B 47 17.79 2.35 -1.48
C PRO B 47 19.24 2.75 -1.28
N PHE B 48 20.14 2.33 -2.17
CA PHE B 48 21.54 2.73 -2.05
C PHE B 48 21.71 4.23 -2.26
N LEU B 49 20.97 4.80 -3.23
CA LEU B 49 21.08 6.24 -3.49
C LEU B 49 20.59 7.05 -2.29
N LEU B 50 19.57 6.56 -1.60
CA LEU B 50 19.04 7.28 -0.45
C LEU B 50 20.10 7.40 0.65
N LEU B 51 20.78 6.29 0.96
CA LEU B 51 21.80 6.33 2.00
C LEU B 51 23.03 7.11 1.55
N GLU B 52 23.32 7.13 0.25
CA GLU B 52 24.49 7.84 -0.26
C GLU B 52 24.26 9.34 -0.30
N VAL B 53 23.10 9.77 -0.78
CA VAL B 53 22.79 11.20 -0.78
C VAL B 53 22.71 11.72 0.65
N LEU B 54 22.15 10.91 1.55
CA LEU B 54 22.06 11.31 2.96
C LEU B 54 23.45 11.39 3.58
N GLU B 55 24.31 10.42 3.31
CA GLU B 55 25.68 10.48 3.81
C GLU B 55 26.46 11.61 3.14
N ALA B 56 26.16 11.91 1.88
CA ALA B 56 26.79 13.05 1.23
C ALA B 56 26.34 14.36 1.85
N LEU B 57 25.14 14.39 2.42
CA LEU B 57 24.63 15.55 3.15
C LEU B 57 25.17 15.64 4.57
N GLN B 58 26.23 14.87 4.87
CA GLN B 58 26.90 14.89 6.17
C GLN B 58 25.99 14.42 7.30
N VAL B 59 25.09 13.51 7.00
CA VAL B 59 24.22 12.88 8.00
C VAL B 59 24.75 11.48 8.26
N THR B 60 25.05 11.19 9.52
CA THR B 60 25.52 9.87 9.89
C THR B 60 24.42 8.83 9.68
N ILE B 61 24.72 7.80 8.90
CA ILE B 61 23.73 6.78 8.57
C ILE B 61 23.40 5.97 9.81
N LYS B 62 22.10 5.77 10.05
CA LYS B 62 21.57 5.02 11.16
C LYS B 62 20.52 4.05 10.64
N PRO B 63 20.20 2.99 11.41
CA PRO B 63 19.24 1.99 10.91
C PRO B 63 17.88 2.56 10.54
N ALA B 64 17.46 3.66 11.18
CA ALA B 64 16.19 4.28 10.80
C ALA B 64 16.23 4.75 9.35
N HIS B 65 17.40 5.18 8.87
CA HIS B 65 17.52 5.60 7.48
C HIS B 65 17.44 4.41 6.54
N ALA B 66 18.10 3.30 6.89
CA ALA B 66 18.00 2.10 6.07
C ALA B 66 16.57 1.57 6.01
N GLN B 67 15.78 1.76 7.07
CA GLN B 67 14.41 1.31 7.05
C GLN B 67 13.55 2.17 6.13
N VAL B 68 13.87 3.46 6.04
CA VAL B 68 13.21 4.32 5.04
C VAL B 68 13.61 3.88 3.64
N ALA B 69 14.88 3.54 3.43
CA ALA B 69 15.31 3.04 2.14
C ALA B 69 14.68 1.69 1.82
N THR B 70 14.39 0.90 2.85
CA THR B 70 13.76 -0.40 2.64
C THR B 70 12.32 -0.24 2.14
N ALA B 71 11.58 0.71 2.70
CA ALA B 71 10.21 0.97 2.26
C ALA B 71 10.18 1.35 0.78
N LEU B 72 11.21 2.06 0.31
CA LEU B 72 11.28 2.42 -1.10
C LEU B 72 11.44 1.19 -1.98
N GLU B 73 12.35 0.28 -1.61
CA GLU B 73 12.62 -0.87 -2.45
C GLU B 73 11.54 -1.93 -2.34
N MET B 74 10.72 -1.91 -1.29
CA MET B 74 9.60 -2.84 -1.21
C MET B 74 8.52 -2.47 -2.21
N ILE B 75 8.24 -1.17 -2.37
CA ILE B 75 7.27 -0.73 -3.37
C ILE B 75 7.79 -1.03 -4.78
N HIS B 76 9.07 -0.73 -5.02
CA HIS B 76 9.64 -1.02 -6.33
C HIS B 76 9.60 -2.51 -6.65
N THR B 77 9.91 -3.35 -5.65
CA THR B 77 9.86 -4.80 -5.86
C THR B 77 8.44 -5.28 -6.11
N GLY B 78 7.46 -4.68 -5.42
CA GLY B 78 6.07 -5.07 -5.65
C GLY B 78 5.60 -4.74 -7.04
N SER B 79 6.06 -3.63 -7.60
CA SER B 79 5.67 -3.26 -8.97
C SER B 79 6.26 -4.22 -9.99
N LEU B 80 7.46 -4.76 -9.74
CA LEU B 80 8.05 -5.71 -10.67
C LEU B 80 7.29 -7.04 -10.64
N ILE B 81 6.79 -7.43 -9.48
CA ILE B 81 6.01 -8.68 -9.38
C ILE B 81 4.74 -8.56 -10.21
N HIS B 82 4.04 -7.43 -10.09
CA HIS B 82 2.80 -7.24 -10.83
C HIS B 82 3.05 -7.03 -12.31
N ASP B 83 4.16 -6.38 -12.66
CA ASP B 83 4.48 -6.15 -14.07
C ASP B 83 4.68 -7.47 -14.81
N ASP B 84 5.27 -8.47 -14.14
CA ASP B 84 5.57 -9.72 -14.82
C ASP B 84 4.33 -10.57 -15.05
N LEU B 85 3.22 -10.28 -14.36
CA LEU B 85 1.98 -11.06 -14.45
C LEU B 85 1.52 -11.24 -15.89
N PRO B 86 0.88 -12.36 -16.23
CA PRO B 86 0.44 -12.58 -17.61
C PRO B 86 -0.49 -11.50 -18.12
N ALA B 87 -1.29 -10.87 -17.24
CA ALA B 87 -2.17 -9.80 -17.68
C ALA B 87 -1.42 -8.52 -18.00
N MET B 88 -0.16 -8.40 -17.58
CA MET B 88 0.63 -7.20 -17.82
C MET B 88 1.68 -7.45 -18.90
N ASP B 89 2.96 -7.50 -18.50
CA ASP B 89 4.03 -7.75 -19.47
C ASP B 89 4.19 -9.23 -19.81
N ASP B 90 3.66 -10.13 -18.97
CA ASP B 90 3.69 -11.58 -19.20
C ASP B 90 5.13 -12.06 -19.40
N ASP B 91 5.89 -11.97 -18.32
CA ASP B 91 7.29 -12.38 -18.31
C ASP B 91 7.45 -13.65 -17.49
N ASP B 92 8.06 -14.67 -18.10
CA ASP B 92 8.39 -15.88 -17.37
C ASP B 92 9.73 -15.78 -16.66
N TYR B 93 10.62 -14.91 -17.12
CA TYR B 93 11.92 -14.70 -16.49
C TYR B 93 12.21 -13.21 -16.42
N ARG B 94 12.88 -12.80 -15.35
CA ARG B 94 13.31 -11.42 -15.18
C ARG B 94 14.73 -11.42 -14.63
N ARG B 95 15.64 -10.73 -15.33
CA ARG B 95 17.05 -10.70 -14.96
C ARG B 95 17.63 -12.10 -14.86
N GLY B 96 17.24 -12.97 -15.79
CA GLY B 96 17.75 -14.33 -15.84
C GLY B 96 17.18 -15.28 -14.81
N ARG B 97 16.26 -14.82 -13.97
CA ARG B 97 15.68 -15.65 -12.92
C ARG B 97 14.18 -15.79 -13.13
N LEU B 98 13.65 -16.96 -12.74
CA LEU B 98 12.23 -17.23 -12.89
C LEU B 98 11.41 -16.20 -12.11
N THR B 99 10.31 -15.74 -12.72
CA THR B 99 9.51 -14.70 -12.10
C THR B 99 8.71 -15.25 -10.93
N ASN B 100 8.10 -14.34 -10.17
CA ASN B 100 7.39 -14.74 -8.95
C ASN B 100 6.17 -15.60 -9.27
N HIS B 101 5.31 -15.14 -10.18
CA HIS B 101 4.10 -15.88 -10.49
C HIS B 101 4.41 -17.23 -11.14
N LYS B 102 5.50 -17.31 -11.90
CA LYS B 102 5.85 -18.59 -12.52
C LYS B 102 6.28 -19.62 -11.48
N LYS B 103 6.79 -19.16 -10.33
CA LYS B 103 7.27 -20.08 -9.30
C LYS B 103 6.22 -20.36 -8.24
N PHE B 104 5.39 -19.38 -7.91
CA PHE B 104 4.43 -19.50 -6.83
C PHE B 104 2.98 -19.45 -7.29
N GLY B 105 2.73 -19.18 -8.56
CA GLY B 105 1.38 -19.01 -9.04
C GLY B 105 0.97 -17.55 -9.12
N GLU B 106 -0.07 -17.29 -9.92
CA GLU B 106 -0.50 -15.91 -10.15
C GLU B 106 -1.07 -15.29 -8.88
N ALA B 107 -1.92 -16.02 -8.16
CA ALA B 107 -2.58 -15.47 -6.98
C ALA B 107 -1.56 -15.12 -5.89
N MET B 108 -0.55 -15.96 -5.71
CA MET B 108 0.47 -15.66 -4.70
C MET B 108 1.29 -14.43 -5.10
N ALA B 109 1.59 -14.28 -6.38
CA ALA B 109 2.36 -13.11 -6.83
C ALA B 109 1.57 -11.83 -6.63
N ILE B 110 0.26 -11.87 -6.89
CA ILE B 110 -0.58 -10.70 -6.66
C ILE B 110 -0.54 -10.28 -5.21
N LEU B 111 -0.71 -11.24 -4.29
CA LEU B 111 -0.73 -10.93 -2.87
C LEU B 111 0.65 -10.57 -2.36
N ALA B 112 1.71 -11.16 -2.92
CA ALA B 112 3.06 -10.78 -2.52
C ALA B 112 3.35 -9.33 -2.85
N GLY B 113 2.90 -8.87 -4.01
CA GLY B 113 3.05 -7.46 -4.34
C GLY B 113 2.15 -6.57 -3.50
N ASP B 114 0.94 -7.05 -3.18
CA ASP B 114 0.04 -6.28 -2.33
C ASP B 114 0.62 -6.11 -0.93
N ALA B 115 1.21 -7.18 -0.38
CA ALA B 115 1.81 -7.10 0.94
C ALA B 115 2.96 -6.10 0.97
N LEU B 116 3.83 -6.14 -0.04
CA LEU B 116 4.93 -5.18 -0.13
C LEU B 116 4.41 -3.75 -0.18
N PHE B 117 3.33 -3.52 -0.93
CA PHE B 117 2.77 -2.17 -1.01
C PHE B 117 2.23 -1.72 0.34
N LEU B 118 1.41 -2.57 0.97
CA LEU B 118 0.78 -2.21 2.24
C LEU B 118 1.76 -2.23 3.41
N ASP B 119 2.80 -3.06 3.35
CA ASP B 119 3.78 -3.12 4.43
C ASP B 119 4.82 -2.01 4.34
N SER B 120 5.01 -1.41 3.17
CA SER B 120 6.12 -0.49 2.96
C SER B 120 6.09 0.65 3.96
N TYR B 121 4.95 1.33 4.09
CA TYR B 121 4.85 2.51 4.94
C TYR B 121 5.05 2.17 6.41
N ALA B 122 4.94 0.90 6.79
CA ALA B 122 5.16 0.53 8.19
C ALA B 122 6.60 0.75 8.61
N LEU B 123 7.57 0.52 7.71
CA LEU B 123 8.96 0.69 8.09
C LEU B 123 9.31 2.15 8.35
N ILE B 124 8.69 3.07 7.62
CA ILE B 124 8.88 4.49 7.92
C ILE B 124 8.20 4.83 9.24
N ALA B 125 6.99 4.31 9.46
CA ALA B 125 6.23 4.65 10.66
C ALA B 125 6.86 4.05 11.91
N GLN B 126 7.57 2.93 11.78
CA GLN B 126 8.20 2.28 12.91
C GLN B 126 9.63 2.72 13.15
N ALA B 127 10.17 3.59 12.31
CA ALA B 127 11.57 3.98 12.44
C ALA B 127 11.74 5.05 13.51
N ASP B 128 12.95 5.10 14.08
CA ASP B 128 13.30 6.09 15.09
C ASP B 128 13.63 7.40 14.38
N LEU B 129 12.59 8.15 14.07
CA LEU B 129 12.69 9.44 13.40
C LEU B 129 11.64 10.37 13.98
N PRO B 130 11.82 11.68 13.84
CA PRO B 130 10.78 12.62 14.25
C PRO B 130 9.47 12.35 13.51
N SER B 131 8.35 12.56 14.22
CA SER B 131 7.05 12.19 13.67
C SER B 131 6.73 12.97 12.41
N GLN B 132 7.00 14.27 12.39
CA GLN B 132 6.69 15.07 11.20
C GLN B 132 7.57 14.69 10.03
N ILE B 133 8.82 14.33 10.28
CA ILE B 133 9.69 13.84 9.21
C ILE B 133 9.13 12.56 8.60
N LYS B 134 8.63 11.65 9.45
CA LYS B 134 8.02 10.43 8.95
C LYS B 134 6.75 10.72 8.16
N VAL B 135 5.99 11.75 8.55
CA VAL B 135 4.79 12.11 7.81
C VAL B 135 5.16 12.58 6.41
N ASP B 136 6.17 13.43 6.29
CA ASP B 136 6.57 13.94 4.99
C ASP B 136 7.19 12.84 4.13
N LEU B 137 7.94 11.92 4.75
CA LEU B 137 8.48 10.79 3.99
C LEU B 137 7.37 9.90 3.46
N ILE B 138 6.35 9.67 4.26
CA ILE B 138 5.24 8.82 3.82
C ILE B 138 4.43 9.52 2.74
N ALA B 139 4.12 10.81 2.94
CA ALA B 139 3.29 11.52 1.97
C ALA B 139 3.97 11.60 0.61
N ASN B 140 5.28 11.81 0.58
CA ASN B 140 5.99 11.91 -0.69
C ASN B 140 6.22 10.55 -1.33
N LEU B 141 6.35 9.49 -0.53
CA LEU B 141 6.48 8.15 -1.10
C LEU B 141 5.17 7.71 -1.75
N SER B 142 4.04 8.04 -1.13
CA SER B 142 2.74 7.72 -1.74
C SER B 142 2.53 8.53 -3.02
N LEU B 143 2.92 9.80 -3.00
CA LEU B 143 2.79 10.65 -4.18
C LEU B 143 3.60 10.09 -5.34
N ALA B 144 4.78 9.54 -5.07
CA ALA B 144 5.64 9.00 -6.10
C ALA B 144 5.22 7.60 -6.56
N SER B 145 4.36 6.91 -5.80
CA SER B 145 4.02 5.53 -6.09
C SER B 145 2.59 5.31 -6.56
N GLY B 146 1.66 6.14 -6.11
CA GLY B 146 0.24 5.90 -6.32
C GLY B 146 -0.28 6.40 -7.63
N SER B 147 -1.57 6.75 -7.65
CA SER B 147 -2.26 7.15 -8.86
C SER B 147 -1.74 8.47 -9.44
N LEU B 148 -0.88 9.19 -8.71
CA LEU B 148 -0.26 10.40 -9.22
C LEU B 148 1.20 10.18 -9.60
N GLY B 149 1.66 8.93 -9.65
CA GLY B 149 3.04 8.65 -9.97
C GLY B 149 3.24 7.30 -10.65
N MET B 150 3.76 6.33 -9.91
CA MET B 150 4.19 5.07 -10.51
C MET B 150 3.03 4.34 -11.17
N VAL B 151 1.93 4.14 -10.43
CA VAL B 151 0.81 3.39 -10.97
C VAL B 151 0.20 4.12 -12.17
N ALA B 152 0.15 5.45 -12.12
CA ALA B 152 -0.30 6.20 -13.28
C ALA B 152 0.62 5.98 -14.47
N GLY B 153 1.93 5.94 -14.22
CA GLY B 153 2.87 5.64 -15.28
C GLY B 153 2.71 4.25 -15.86
N GLN B 154 2.34 3.28 -15.03
CA GLN B 154 2.09 1.93 -15.53
C GLN B 154 0.86 1.89 -16.41
N VAL B 155 -0.18 2.65 -16.06
CA VAL B 155 -1.39 2.68 -16.87
C VAL B 155 -1.12 3.37 -18.21
N LEU B 156 -0.46 4.54 -18.16
CA LEU B 156 -0.22 5.28 -19.39
C LEU B 156 0.75 4.55 -20.31
N ASP B 157 1.72 3.81 -19.74
CA ASP B 157 2.64 3.07 -20.58
C ASP B 157 1.94 1.93 -21.31
N MET B 158 1.06 1.21 -20.60
CA MET B 158 0.30 0.14 -21.23
C MET B 158 -0.64 0.68 -22.31
N GLU B 159 -1.29 1.82 -22.03
CA GLU B 159 -2.18 2.41 -23.02
C GLU B 159 -1.41 3.03 -24.18
N GLY B 160 -0.20 3.51 -23.92
CA GLY B 160 0.59 4.15 -24.96
C GLY B 160 1.00 3.23 -26.09
N GLU B 161 0.93 1.92 -25.88
CA GLU B 161 1.28 0.96 -26.92
C GLU B 161 0.29 0.98 -28.08
N HIS B 162 -0.90 1.55 -27.88
CA HIS B 162 -1.92 1.63 -28.92
C HIS B 162 -2.25 3.08 -29.26
N GLN B 163 -1.27 3.98 -29.14
CA GLN B 163 -1.49 5.41 -29.36
C GLN B 163 -0.30 6.01 -30.08
N HIS B 164 -0.56 7.10 -30.80
CA HIS B 164 0.49 7.88 -31.45
C HIS B 164 0.98 8.93 -30.47
N LEU B 165 2.10 8.64 -29.81
CA LEU B 165 2.63 9.48 -28.75
C LEU B 165 3.91 10.16 -29.20
N SER B 166 4.09 11.39 -28.75
CA SER B 166 5.34 12.11 -28.95
C SER B 166 6.40 11.60 -27.96
N LEU B 167 7.64 11.97 -28.21
CA LEU B 167 8.70 11.63 -27.26
C LEU B 167 8.50 12.36 -25.94
N GLU B 168 7.99 13.59 -25.98
CA GLU B 168 7.70 14.32 -24.75
C GLU B 168 6.65 13.60 -23.92
N GLU B 169 5.60 13.08 -24.56
CA GLU B 169 4.58 12.34 -23.84
C GLU B 169 5.13 11.02 -23.31
N LEU B 170 5.98 10.35 -24.08
CA LEU B 170 6.64 9.14 -23.58
C LEU B 170 7.56 9.45 -22.41
N GLN B 171 8.20 10.62 -22.43
CA GLN B 171 9.04 11.01 -21.29
C GLN B 171 8.19 11.26 -20.05
N THR B 172 7.01 11.84 -20.22
CA THR B 172 6.09 12.01 -19.10
C THR B 172 5.68 10.66 -18.51
N ILE B 173 5.43 9.68 -19.38
CA ILE B 173 5.06 8.34 -18.92
C ILE B 173 6.20 7.73 -18.12
N HIS B 174 7.42 7.78 -18.67
CA HIS B 174 8.55 7.19 -17.97
C HIS B 174 8.90 7.97 -16.70
N ALA B 175 8.70 9.28 -16.71
CA ALA B 175 8.98 10.07 -15.51
C ALA B 175 8.11 9.65 -14.35
N ASN B 176 6.90 9.18 -14.62
CA ASN B 176 6.02 8.71 -13.57
C ASN B 176 6.25 7.23 -13.27
N LYS B 177 6.33 6.40 -14.30
CA LYS B 177 6.43 4.96 -14.10
C LYS B 177 7.76 4.58 -13.43
N THR B 178 8.83 5.27 -13.76
CA THR B 178 10.15 4.89 -13.28
C THR B 178 10.90 6.04 -12.61
N GLY B 179 10.73 7.27 -13.11
CA GLY B 179 11.51 8.38 -12.60
C GLY B 179 11.17 8.78 -11.17
N LYS B 180 9.92 8.59 -10.76
CA LYS B 180 9.49 9.05 -9.45
C LYS B 180 10.20 8.29 -8.33
N LEU B 181 10.22 6.96 -8.42
CA LEU B 181 10.90 6.15 -7.41
C LEU B 181 12.41 6.23 -7.53
N LEU B 182 12.93 6.69 -8.66
CA LEU B 182 14.37 6.93 -8.76
C LEU B 182 14.74 8.30 -8.22
N ALA B 183 13.82 9.26 -8.24
CA ALA B 183 14.05 10.57 -7.66
C ALA B 183 13.70 10.64 -6.19
N TYR B 184 12.88 9.72 -5.69
CA TYR B 184 12.52 9.73 -4.27
C TYR B 184 13.71 9.61 -3.33
N PRO B 185 14.73 8.77 -3.58
CA PRO B 185 15.86 8.72 -2.63
C PRO B 185 16.54 10.07 -2.43
N PHE B 186 16.48 10.95 -3.43
CA PHE B 186 17.08 12.27 -3.27
C PHE B 186 16.22 13.18 -2.40
N GLN B 187 14.90 13.21 -2.63
CA GLN B 187 14.04 14.04 -1.82
C GLN B 187 13.80 13.44 -0.44
N ALA B 188 13.93 12.11 -0.30
CA ALA B 188 13.82 11.51 1.04
C ALA B 188 15.02 11.89 1.90
N ALA B 189 16.23 11.84 1.32
CA ALA B 189 17.41 12.27 2.06
C ALA B 189 17.34 13.76 2.41
N ALA B 190 16.76 14.56 1.51
CA ALA B 190 16.62 15.99 1.78
C ALA B 190 15.66 16.23 2.94
N ILE B 191 14.60 15.44 3.04
CA ILE B 191 13.66 15.59 4.14
C ILE B 191 14.30 15.15 5.45
N ILE B 192 15.05 14.05 5.43
CA ILE B 192 15.72 13.56 6.64
C ILE B 192 16.78 14.56 7.09
N ALA B 193 17.52 15.13 6.14
CA ALA B 193 18.49 16.17 6.45
C ALA B 193 17.85 17.50 6.81
N GLU B 194 16.53 17.61 6.71
CA GLU B 194 15.79 18.83 7.07
C GLU B 194 16.27 20.03 6.27
N LEU B 195 16.48 19.83 4.97
CA LEU B 195 16.94 20.88 4.09
C LEU B 195 15.81 21.86 3.78
N SER B 196 16.18 23.01 3.24
CA SER B 196 15.19 24.01 2.87
C SER B 196 14.33 23.50 1.71
N PRO B 197 13.10 24.00 1.57
CA PRO B 197 12.26 23.57 0.44
C PRO B 197 12.90 23.84 -0.91
N GLU B 198 13.69 24.90 -1.04
CA GLU B 198 14.35 25.16 -2.32
C GLU B 198 15.43 24.13 -2.60
N MET B 199 16.14 23.68 -1.55
CA MET B 199 17.14 22.63 -1.71
C MET B 199 16.53 21.26 -1.96
N GLN B 200 15.29 21.04 -1.53
CA GLN B 200 14.65 19.75 -1.79
C GLN B 200 14.31 19.61 -3.27
N VAL B 201 13.81 20.69 -3.90
CA VAL B 201 13.46 20.60 -5.31
C VAL B 201 14.72 20.53 -6.17
N LYS B 202 15.84 21.09 -5.69
CA LYS B 202 17.08 21.00 -6.44
C LYS B 202 17.68 19.60 -6.33
N LEU B 203 17.53 18.95 -5.17
CA LEU B 203 17.95 17.57 -5.05
C LEU B 203 17.00 16.64 -5.80
N LYS B 204 15.71 16.96 -5.81
CA LYS B 204 14.75 16.16 -6.55
C LYS B 204 15.02 16.24 -8.05
N THR B 205 15.43 17.40 -8.54
CA THR B 205 15.77 17.55 -9.95
C THR B 205 16.94 16.65 -10.32
N VAL B 206 17.93 16.52 -9.42
CA VAL B 206 19.06 15.63 -9.69
C VAL B 206 18.60 14.19 -9.82
N GLY B 207 17.71 13.75 -8.93
CA GLY B 207 17.18 12.41 -9.02
C GLY B 207 16.35 12.18 -10.26
N GLU B 208 15.66 13.22 -10.74
CA GLU B 208 14.89 13.09 -11.97
C GLU B 208 15.82 12.92 -13.17
N LEU B 209 16.95 13.64 -13.18
CA LEU B 209 17.89 13.51 -14.28
C LEU B 209 18.52 12.12 -14.31
N ILE B 210 18.95 11.63 -13.14
CA ILE B 210 19.52 10.28 -13.07
C ILE B 210 18.47 9.24 -13.46
N GLY B 211 17.22 9.44 -13.05
CA GLY B 211 16.18 8.52 -13.44
C GLY B 211 15.91 8.51 -14.93
N LEU B 212 16.02 9.68 -15.57
CA LEU B 212 15.86 9.75 -17.02
C LEU B 212 16.96 8.98 -17.73
N ALA B 213 18.22 9.23 -17.36
CA ALA B 213 19.33 8.52 -17.98
C ALA B 213 19.30 7.03 -17.66
N PHE B 214 18.79 6.68 -16.48
CA PHE B 214 18.62 5.26 -16.14
C PHE B 214 17.62 4.62 -17.09
N GLN B 215 16.58 5.35 -17.51
CA GLN B 215 15.62 4.84 -18.47
C GLN B 215 16.26 4.66 -19.85
N VAL B 216 16.98 5.68 -20.31
CA VAL B 216 17.63 5.61 -21.62
C VAL B 216 18.71 4.54 -21.64
N ARG B 217 19.42 4.39 -20.52
CA ARG B 217 20.48 3.37 -20.45
C ARG B 217 19.89 1.97 -20.53
N ASP B 218 18.74 1.74 -19.90
CA ASP B 218 18.11 0.43 -19.96
C ASP B 218 17.64 0.08 -21.35
N ASP B 219 17.16 1.06 -22.12
CA ASP B 219 16.69 0.77 -23.48
C ASP B 219 17.86 0.42 -24.40
N VAL B 220 18.93 1.22 -24.36
CA VAL B 220 20.09 0.96 -25.20
C VAL B 220 20.89 -0.25 -24.75
N LEU B 221 20.59 -0.77 -23.55
CA LEU B 221 21.21 -2.00 -23.08
C LEU B 221 20.36 -3.23 -23.37
N ASP B 222 19.03 -3.08 -23.40
CA ASP B 222 18.16 -4.20 -23.76
C ASP B 222 18.35 -4.63 -25.21
N VAL B 223 18.84 -3.75 -26.07
CA VAL B 223 19.11 -4.12 -27.45
C VAL B 223 20.50 -4.74 -27.61
N THR B 224 21.43 -4.42 -26.73
CA THR B 224 22.78 -4.98 -26.76
C THR B 224 22.95 -6.13 -25.78
N ALA B 225 21.92 -6.96 -25.64
CA ALA B 225 21.96 -8.09 -24.71
C ALA B 225 21.07 -9.22 -25.19
N LYS B 242 9.91 -0.54 -30.28
CA LYS B 242 8.94 0.25 -31.06
C LYS B 242 8.98 1.71 -30.63
N SER B 243 8.78 1.95 -29.33
CA SER B 243 8.87 3.29 -28.76
C SER B 243 10.06 3.43 -27.81
N THR B 244 11.13 2.69 -28.08
CA THR B 244 12.32 2.77 -27.26
C THR B 244 13.19 3.94 -27.71
N TYR B 245 14.11 4.35 -26.84
CA TYR B 245 15.03 5.43 -27.19
C TYR B 245 15.92 5.07 -28.38
N PRO B 246 16.52 3.88 -28.49
CA PRO B 246 17.25 3.55 -29.70
C PRO B 246 16.37 3.36 -30.93
N ALA B 247 15.05 3.26 -30.76
CA ALA B 247 14.17 3.13 -31.91
C ALA B 247 13.67 4.49 -32.39
N LEU B 248 13.42 5.41 -31.46
CA LEU B 248 12.89 6.73 -31.80
C LEU B 248 14.01 7.69 -32.19
N LEU B 249 14.93 7.97 -31.27
CA LEU B 249 16.13 8.73 -31.60
C LEU B 249 17.09 7.90 -32.44
N GLY B 250 17.56 6.78 -31.90
CA GLY B 250 18.53 5.94 -32.57
C GLY B 250 19.60 5.51 -31.57
N LEU B 251 20.42 4.52 -31.89
CA LEU B 251 21.31 3.96 -30.88
C LEU B 251 22.41 4.95 -30.46
N GLU B 252 23.02 5.63 -31.43
CA GLU B 252 24.18 6.46 -31.11
C GLU B 252 23.78 7.74 -30.40
N GLU B 253 22.69 8.37 -30.84
CA GLU B 253 22.25 9.61 -30.24
C GLU B 253 21.52 9.40 -28.93
N SER B 254 20.97 8.20 -28.69
CA SER B 254 20.46 7.90 -27.36
C SER B 254 21.60 7.78 -26.34
N ILE B 255 22.74 7.24 -26.77
CA ILE B 255 23.89 7.19 -25.87
C ILE B 255 24.40 8.60 -25.57
N ALA B 256 24.39 9.47 -26.57
CA ALA B 256 24.75 10.87 -26.32
C ALA B 256 23.76 11.54 -25.38
N PHE B 257 22.46 11.30 -25.59
CA PHE B 257 21.45 11.88 -24.70
C PHE B 257 21.53 11.29 -23.30
N CYS B 258 21.93 10.03 -23.18
CA CYS B 258 22.10 9.42 -21.86
C CYS B 258 23.29 10.06 -21.13
N ASN B 259 24.42 10.19 -21.82
CA ASN B 259 25.60 10.75 -21.20
C ASN B 259 25.49 12.26 -20.98
N GLN B 260 24.82 12.97 -21.89
CA GLN B 260 24.65 14.41 -21.69
C GLN B 260 23.71 14.69 -20.53
N THR B 261 22.75 13.80 -20.27
CA THR B 261 21.91 13.94 -19.10
C THR B 261 22.68 13.67 -17.82
N LEU B 262 23.61 12.72 -17.85
CA LEU B 262 24.49 12.49 -16.71
C LEU B 262 25.42 13.67 -16.46
N ASP B 263 25.80 14.39 -17.52
CA ASP B 263 26.59 15.60 -17.33
C ASP B 263 25.78 16.68 -16.63
N GLN B 264 24.50 16.82 -17.00
CA GLN B 264 23.64 17.78 -16.32
C GLN B 264 23.45 17.42 -14.86
N ALA B 265 23.36 16.12 -14.56
CA ALA B 265 23.25 15.68 -13.17
C ALA B 265 24.48 16.08 -12.37
N ASN B 266 25.67 15.97 -12.98
CA ASN B 266 26.88 16.38 -12.29
C ASN B 266 26.96 17.89 -12.10
N GLU B 267 26.37 18.66 -13.02
CA GLU B 267 26.32 20.11 -12.85
C GLU B 267 25.41 20.49 -11.68
N LYS B 268 24.20 19.94 -11.66
CA LYS B 268 23.28 20.25 -10.56
C LYS B 268 23.84 19.79 -9.22
N LEU B 269 24.60 18.68 -9.21
CA LEU B 269 25.23 18.22 -7.98
C LEU B 269 26.29 19.19 -7.51
N GLU B 270 27.20 19.58 -8.40
CA GLU B 270 28.24 20.54 -8.02
C GLU B 270 27.64 21.89 -7.66
N GLU B 271 26.56 22.30 -8.32
CA GLU B 271 25.87 23.52 -7.94
C GLU B 271 25.31 23.42 -6.52
N ILE B 272 24.68 22.29 -6.19
CA ILE B 272 24.19 22.08 -4.84
C ILE B 272 25.34 22.09 -3.83
N ALA B 273 26.51 21.59 -4.22
CA ALA B 273 27.64 21.56 -3.32
C ALA B 273 28.14 22.95 -2.95
N GLN B 274 27.82 23.96 -3.74
CA GLN B 274 28.24 25.32 -3.44
C GLN B 274 27.28 26.04 -2.50
N GLN B 275 26.06 25.55 -2.33
CA GLN B 275 25.08 26.19 -1.46
C GLN B 275 25.05 25.60 -0.05
N LEU B 276 25.28 24.31 0.10
CA LEU B 276 25.33 23.67 1.40
C LEU B 276 26.40 22.59 1.37
N PRO B 277 26.90 22.17 2.53
CA PRO B 277 27.91 21.10 2.56
C PRO B 277 27.38 19.83 1.91
N PHE B 278 28.11 19.35 0.90
CA PHE B 278 27.63 18.23 0.10
C PHE B 278 28.84 17.63 -0.63
N GLU B 279 29.31 16.49 -0.13
CA GLU B 279 30.42 15.78 -0.75
C GLU B 279 29.88 14.92 -1.89
N THR B 280 30.24 15.28 -3.12
CA THR B 280 29.58 14.74 -4.30
C THR B 280 30.30 13.56 -4.93
N GLU B 281 31.49 13.20 -4.44
CA GLU B 281 32.29 12.19 -5.13
C GLU B 281 31.58 10.84 -5.16
N SER B 282 30.90 10.48 -4.08
CA SER B 282 30.17 9.21 -4.07
C SER B 282 28.99 9.23 -5.03
N ILE B 283 28.27 10.35 -5.08
CA ILE B 283 27.12 10.45 -5.98
C ILE B 283 27.59 10.53 -7.43
N VAL B 284 28.65 11.29 -7.69
CA VAL B 284 29.18 11.38 -9.04
C VAL B 284 29.70 10.03 -9.51
N SER B 285 30.24 9.23 -8.58
CA SER B 285 30.73 7.89 -8.94
C SER B 285 29.59 7.02 -9.46
N VAL B 286 28.42 7.10 -8.84
CA VAL B 286 27.27 6.34 -9.32
C VAL B 286 26.77 6.90 -10.64
N VAL B 287 26.86 8.23 -10.81
CA VAL B 287 26.47 8.84 -12.08
C VAL B 287 27.38 8.36 -13.21
N GLU B 288 28.68 8.32 -12.95
CA GLU B 288 29.63 7.86 -13.97
C GLU B 288 29.53 6.37 -14.23
N SER B 289 29.03 5.59 -13.27
CA SER B 289 28.81 4.17 -13.51
C SER B 289 27.70 3.92 -14.52
N LEU B 290 26.83 4.91 -14.73
CA LEU B 290 25.76 4.81 -15.73
C LEU B 290 26.20 5.27 -17.10
N ARG B 291 27.36 5.92 -17.21
CA ARG B 291 27.83 6.41 -18.50
C ARG B 291 28.21 5.25 -19.39
N ILE B 292 27.89 5.37 -20.68
CA ILE B 292 28.08 4.30 -21.65
C ILE B 292 29.32 4.61 -22.49
N ASN B 293 30.21 3.64 -22.58
CA ASN B 293 31.50 3.76 -23.27
C ASN B 293 32.14 5.14 -23.09
C1 GOL C . -12.68 -8.71 1.85
O1 GOL C . -13.07 -8.81 3.20
C2 GOL C . -11.17 -8.68 1.71
O2 GOL C . -10.71 -10.00 1.51
C3 GOL C . -10.51 -8.04 2.93
O3 GOL C . -10.91 -6.68 3.01
#